data_7HJZ
#
_entry.id   7HJZ
#
_cell.length_a   26.550
_cell.length_b   47.129
_cell.length_c   46.553
_cell.angle_alpha   90.000
_cell.angle_beta   103.840
_cell.angle_gamma   90.000
#
_symmetry.space_group_name_H-M   'P 1 21 1'
#
loop_
_entity.id
_entity.type
_entity.pdbx_description
1 polymer 'De novo designed ABLE protein'
2 non-polymer 2-(5-chloranyl-1H-indol-3-yl)ethanenitrile
3 water water
#
_entity_poly.entity_id   1
_entity_poly.type   'polypeptide(L)'
_entity_poly.pdbx_seq_one_letter_code
;SVKSEYAEAAAVGQEAVAVFNTMKAAFQNGDKEAVAQYLARLASLYTRHEELLNRILEKARREGNKEAVTLMNEFTATFQ
TGKSIFNAMVAAFKNGDDDSFESYLQALEKVTAKGETLADQIAKAL
;
_entity_poly.pdbx_strand_id   A
#
loop_
_chem_comp.id
_chem_comp.type
_chem_comp.name
_chem_comp.formula
LVF non-polymer 2-(5-chloranyl-1H-indol-3-yl)ethanenitrile 'C10 H7 Cl N2'
#
# COMPACT_ATOMS: atom_id res chain seq x y z
N SER A 1 8.40 -2.99 -19.83
N SER A 1 8.15 -2.56 -20.09
CA SER A 1 9.11 -1.74 -19.47
CA SER A 1 9.10 -1.55 -19.57
C SER A 1 8.97 -1.49 -17.99
C SER A 1 8.87 -1.36 -18.08
N VAL A 2 9.74 -0.54 -17.46
CA VAL A 2 9.54 -0.19 -16.05
C VAL A 2 8.18 0.49 -15.91
N LYS A 3 7.73 1.20 -16.94
N LYS A 3 7.74 1.23 -16.94
CA LYS A 3 6.46 1.92 -16.85
CA LYS A 3 6.46 1.92 -16.88
C LYS A 3 5.28 0.96 -16.75
C LYS A 3 5.30 0.95 -16.85
N SER A 4 5.28 -0.10 -17.55
N SER A 4 5.34 -0.12 -17.68
CA SER A 4 4.21 -1.10 -17.45
CA SER A 4 4.29 -1.12 -17.63
C SER A 4 4.28 -1.85 -16.12
C SER A 4 4.39 -1.96 -16.36
N GLU A 5 5.49 -2.16 -15.67
N GLU A 5 5.58 -2.16 -15.83
CA GLU A 5 5.64 -2.80 -14.36
CA GLU A 5 5.69 -2.79 -14.54
C GLU A 5 5.08 -1.93 -13.25
C GLU A 5 5.11 -1.91 -13.43
N TYR A 6 5.12 -0.60 -13.39
N TYR A 6 5.24 -0.59 -13.53
CA TYR A 6 4.54 0.26 -12.38
CA TYR A 6 4.65 0.25 -12.48
C TYR A 6 3.01 0.27 -12.46
C TYR A 6 3.12 0.23 -12.57
N ALA A 7 2.46 0.29 -13.67
N ALA A 7 2.57 0.17 -13.78
CA ALA A 7 1.01 0.19 -13.83
CA ALA A 7 1.12 0.01 -13.95
C ALA A 7 0.50 -1.11 -13.20
C ALA A 7 0.63 -1.28 -13.33
N GLU A 8 1.23 -2.20 -13.40
N GLU A 8 1.44 -2.35 -13.41
CA GLU A 8 0.87 -3.45 -12.73
CA GLU A 8 1.06 -3.59 -12.73
C GLU A 8 0.95 -3.29 -11.21
C GLU A 8 1.10 -3.41 -11.22
N ALA A 9 2.06 -2.73 -10.73
N ALA A 9 2.13 -2.72 -10.72
CA ALA A 9 2.19 -2.50 -9.30
CA ALA A 9 2.22 -2.48 -9.28
C ALA A 9 1.07 -1.59 -8.79
C ALA A 9 1.05 -1.61 -8.80
N ALA A 10 0.70 -0.59 -9.59
CA ALA A 10 -0.41 0.28 -9.22
C ALA A 10 -1.72 -0.48 -9.12
N ALA A 11 -1.95 -1.41 -10.05
CA ALA A 11 -3.18 -2.18 -9.98
C ALA A 11 -3.24 -3.01 -8.69
N VAL A 12 -2.10 -3.59 -8.28
N VAL A 12 -2.10 -3.63 -8.33
CA VAL A 12 -2.09 -4.33 -7.03
CA VAL A 12 -2.06 -4.44 -7.12
C VAL A 12 -2.42 -3.41 -5.86
C VAL A 12 -2.29 -3.57 -5.90
N GLY A 13 -2.08 -2.13 -5.97
N GLY A 13 -1.65 -2.40 -5.86
CA GLY A 13 -2.44 -1.18 -4.92
CA GLY A 13 -1.95 -1.46 -4.79
C GLY A 13 -3.93 -0.90 -4.85
C GLY A 13 -3.43 -1.11 -4.72
N GLN A 14 -4.57 -0.71 -6.01
N GLN A 14 -4.07 -0.95 -5.88
CA GLN A 14 -6.00 -0.44 -6.02
CA GLN A 14 -5.49 -0.63 -5.92
C GLN A 14 -6.79 -1.62 -5.52
C GLN A 14 -6.35 -1.83 -5.54
N GLU A 15 -6.32 -2.84 -5.80
N GLU A 15 -5.86 -3.06 -5.76
CA GLU A 15 -7.00 -4.01 -5.25
CA GLU A 15 -6.59 -4.22 -5.28
C GLU A 15 -6.97 -3.94 -3.73
C GLU A 15 -6.61 -4.24 -3.76
N ALA A 16 -5.81 -3.63 -3.15
N ALA A 16 -5.50 -3.83 -3.14
CA ALA A 16 -5.73 -3.51 -1.70
CA ALA A 16 -5.51 -3.76 -1.69
C ALA A 16 -6.68 -2.42 -1.19
C ALA A 16 -6.45 -2.68 -1.20
N VAL A 17 -6.77 -1.31 -1.93
N VAL A 17 -6.51 -1.53 -1.88
CA VAL A 17 -7.76 -0.29 -1.57
CA VAL A 17 -7.44 -0.47 -1.47
C VAL A 17 -9.16 -0.88 -1.59
C VAL A 17 -8.88 -0.99 -1.48
N ALA A 18 -9.46 -1.72 -2.59
N ALA A 18 -9.25 -1.72 -2.53
CA ALA A 18 -10.78 -2.33 -2.68
CA ALA A 18 -10.62 -2.25 -2.62
C ALA A 18 -11.01 -3.31 -1.53
C ALA A 18 -10.92 -3.21 -1.48
N VAL A 19 -10.02 -4.16 -1.23
CA VAL A 19 -10.21 -5.12 -0.15
C VAL A 19 -10.25 -4.41 1.20
N PHE A 20 -9.46 -3.35 1.35
N PHE A 20 -9.38 -3.41 1.38
CA PHE A 20 -9.52 -2.54 2.57
CA PHE A 20 -9.35 -2.67 2.63
C PHE A 20 -10.95 -2.05 2.83
C PHE A 20 -10.69 -2.00 2.91
N ASN A 21 -11.60 -1.49 1.81
N ASN A 21 -11.29 -1.40 1.87
CA ASN A 21 -12.94 -0.94 2.01
CA ASN A 21 -12.57 -0.74 2.06
C ASN A 21 -13.93 -2.03 2.37
C ASN A 21 -13.69 -1.74 2.32
N THR A 22 -13.81 -3.20 1.74
N THR A 22 -13.63 -2.90 1.69
CA THR A 22 -14.65 -4.33 2.12
CA THR A 22 -14.59 -3.95 2.00
C THR A 22 -14.35 -4.78 3.54
C THR A 22 -14.42 -4.40 3.45
N MET A 23 -13.10 -4.60 3.97
N MET A 23 -13.17 -4.58 3.88
CA MET A 23 -12.70 -4.97 5.33
CA MET A 23 -12.89 -5.00 5.25
C MET A 23 -13.22 -3.96 6.34
C MET A 23 -13.43 -3.96 6.25
N LYS A 24 -13.22 -2.68 5.98
CA LYS A 24 -13.70 -1.64 6.90
C LYS A 24 -15.20 -1.80 7.11
N ALA A 25 -15.94 -2.14 6.04
N ALA A 25 -15.95 -2.01 6.01
CA ALA A 25 -17.37 -2.44 6.18
CA ALA A 25 -17.40 -2.16 6.14
C ALA A 25 -17.59 -3.64 7.09
C ALA A 25 -17.74 -3.39 6.96
N ALA A 26 -16.82 -4.72 6.89
N ALA A 26 -16.99 -4.48 6.78
CA ALA A 26 -17.02 -5.92 7.69
CA ALA A 26 -17.20 -5.69 7.58
C ALA A 26 -16.68 -5.72 9.16
C ALA A 26 -16.91 -5.44 9.06
N PHE A 27 -15.67 -4.89 9.45
N PHE A 27 -15.81 -4.74 9.38
CA PHE A 27 -15.36 -4.58 10.84
CA PHE A 27 -15.52 -4.35 10.77
C PHE A 27 -16.51 -3.84 11.49
C PHE A 27 -16.67 -3.53 11.33
N GLN A 28 -17.03 -2.81 10.81
N GLN A 28 -17.16 -2.56 10.56
CA GLN A 28 -18.11 -2.02 11.40
CA GLN A 28 -18.24 -1.73 11.10
C GLN A 28 -19.31 -2.89 11.72
C GLN A 28 -19.47 -2.58 11.36
N ASN A 29 -19.55 -3.92 10.91
N ASN A 29 -19.74 -3.55 10.49
CA ASN A 29 -20.68 -4.82 11.11
CA ASN A 29 -20.90 -4.40 10.66
C ASN A 29 -20.42 -5.90 12.13
C ASN A 29 -20.65 -5.52 11.66
N GLY A 30 -19.16 -6.08 12.55
N GLY A 30 -19.45 -5.60 12.23
CA GLY A 30 -18.84 -7.09 13.53
CA GLY A 30 -19.10 -6.57 13.24
C GLY A 30 -18.64 -8.48 12.96
C GLY A 30 -18.93 -7.98 12.75
N ASP A 31 -18.53 -8.60 11.62
N ASP A 31 -18.58 -8.17 11.47
CA ASP A 31 -18.33 -9.87 10.93
CA ASP A 31 -18.40 -9.50 10.88
C ASP A 31 -16.84 -10.23 10.99
C ASP A 31 -16.92 -9.84 11.06
N LYS A 32 -16.43 -10.65 12.19
N LYS A 32 -16.60 -10.47 12.20
CA LYS A 32 -15.01 -10.86 12.44
CA LYS A 32 -15.21 -10.68 12.54
C LYS A 32 -14.44 -12.00 11.61
C LYS A 32 -14.57 -11.76 11.69
N GLU A 33 -15.29 -12.97 11.23
N GLU A 33 -15.34 -12.79 11.30
CA GLU A 33 -14.80 -14.02 10.35
CA GLU A 33 -14.77 -13.84 10.47
C GLU A 33 -14.45 -13.47 8.97
C GLU A 33 -14.33 -13.27 9.13
N ALA A 34 -15.14 -12.40 8.54
CA ALA A 34 -14.80 -11.78 7.28
C ALA A 34 -13.56 -10.91 7.43
N VAL A 35 -13.55 -10.07 8.46
CA VAL A 35 -12.36 -9.23 8.69
C VAL A 35 -11.09 -10.07 8.69
N ALA A 36 -11.11 -11.20 9.41
N ALA A 36 -11.09 -11.17 9.46
CA ALA A 36 -9.94 -12.06 9.46
CA ALA A 36 -9.90 -12.01 9.54
C ALA A 36 -9.48 -12.48 8.07
C ALA A 36 -9.43 -12.45 8.16
N GLN A 37 -10.41 -12.90 7.23
N GLN A 37 -10.37 -12.89 7.32
CA GLN A 37 -10.03 -13.34 5.88
CA GLN A 37 -9.99 -13.30 5.98
C GLN A 37 -9.55 -12.17 5.01
C GLN A 37 -9.47 -12.14 5.14
N TYR A 38 -10.16 -11.00 5.17
CA TYR A 38 -9.69 -9.81 4.46
C TYR A 38 -8.30 -9.39 4.92
N LEU A 39 -8.01 -9.47 6.23
CA LEU A 39 -6.68 -9.08 6.69
C LEU A 39 -5.60 -9.99 6.12
N ALA A 40 -5.90 -11.30 6.02
CA ALA A 40 -4.96 -12.23 5.41
C ALA A 40 -4.75 -11.89 3.94
N ARG A 41 -5.83 -11.53 3.25
N ARG A 41 -5.83 -11.57 3.24
CA ARG A 41 -5.74 -11.17 1.83
CA ARG A 41 -5.70 -11.27 1.82
C ARG A 41 -4.96 -9.88 1.65
C ARG A 41 -4.91 -9.99 1.62
N LEU A 42 -5.13 -8.93 2.58
N LEU A 42 -5.17 -9.00 2.48
CA LEU A 42 -4.36 -7.69 2.50
CA LEU A 42 -4.41 -7.76 2.40
C LEU A 42 -2.88 -7.95 2.80
C LEU A 42 -2.92 -7.99 2.62
N ALA A 43 -2.58 -8.91 3.67
N ALA A 43 -2.56 -8.80 3.62
CA ALA A 43 -1.18 -9.22 3.94
CA ALA A 43 -1.14 -9.03 3.84
C ALA A 43 -0.50 -9.77 2.69
C ALA A 43 -0.49 -9.57 2.58
N SER A 44 -1.22 -10.57 1.90
N SER A 44 -1.15 -10.53 1.94
CA SER A 44 -0.65 -11.11 0.68
CA SER A 44 -0.61 -11.09 0.70
C SER A 44 -0.48 -10.02 -0.37
C SER A 44 -0.45 -10.01 -0.37
N LEU A 45 -1.47 -9.12 -0.48
N LEU A 45 -1.47 -9.16 -0.51
CA LEU A 45 -1.38 -8.04 -1.46
CA LEU A 45 -1.43 -8.09 -1.50
C LEU A 45 -0.25 -7.07 -1.11
C LEU A 45 -0.35 -7.05 -1.21
N TYR A 46 -0.18 -6.63 0.14
N TYR A 46 -0.16 -6.69 0.06
CA TYR A 46 0.86 -5.67 0.52
CA TYR A 46 0.91 -5.73 0.38
C TYR A 46 2.25 -6.27 0.37
C TYR A 46 2.29 -6.35 0.17
N THR A 47 2.41 -7.57 0.64
N THR A 47 2.48 -7.62 0.56
CA THR A 47 3.68 -8.22 0.38
CA THR A 47 3.75 -8.27 0.29
C THR A 47 4.01 -8.19 -1.12
C THR A 47 4.06 -8.29 -1.20
N ARG A 48 3.01 -8.48 -1.96
N ARG A 48 3.05 -8.54 -2.04
CA ARG A 48 3.24 -8.44 -3.41
CA ARG A 48 3.26 -8.52 -3.48
C ARG A 48 3.56 -7.03 -3.87
C ARG A 48 3.60 -7.11 -3.96
N HIS A 49 2.82 -6.03 -3.39
N HIS A 49 2.86 -6.10 -3.48
CA HIS A 49 3.07 -4.66 -3.82
CA HIS A 49 3.12 -4.73 -3.89
C HIS A 49 4.44 -4.17 -3.39
C HIS A 49 4.54 -4.33 -3.56
N GLU A 50 4.84 -4.50 -2.15
N GLU A 50 4.97 -4.62 -2.33
CA GLU A 50 6.14 -4.07 -1.65
CA GLU A 50 6.33 -4.31 -1.90
C GLU A 50 7.27 -4.62 -2.50
C GLU A 50 7.35 -4.93 -2.84
N GLU A 51 7.12 -5.84 -3.02
N GLU A 51 7.13 -6.20 -3.19
CA GLU A 51 8.20 -6.46 -3.79
CA GLU A 51 8.07 -6.89 -4.07
C GLU A 51 8.24 -5.94 -5.22
C GLU A 51 8.17 -6.15 -5.41
N LEU A 52 7.08 -5.74 -5.84
N LEU A 52 7.03 -5.79 -5.98
CA LEU A 52 7.05 -5.13 -7.17
CA LEU A 52 7.01 -5.09 -7.27
C LEU A 52 7.62 -3.73 -7.14
C LEU A 52 7.64 -3.71 -7.15
N LEU A 53 7.34 -2.98 -6.07
CA LEU A 53 7.92 -1.63 -5.92
C LEU A 53 9.43 -1.71 -5.80
N ASN A 54 9.95 -2.68 -5.04
N ASN A 54 9.95 -2.71 -5.08
CA ASN A 54 11.40 -2.75 -4.88
CA ASN A 54 11.39 -2.80 -4.93
C ASN A 54 12.08 -3.03 -6.20
C ASN A 54 12.07 -3.08 -6.26
N ARG A 55 11.48 -3.88 -7.04
N ARG A 55 11.50 -3.98 -7.07
CA ARG A 55 12.04 -4.12 -8.37
CA ARG A 55 12.11 -4.26 -8.36
C ARG A 55 11.97 -2.87 -9.22
C ARG A 55 12.10 -3.03 -9.24
N ILE A 56 10.93 -2.04 -9.04
N ILE A 56 11.02 -2.26 -9.20
CA ILE A 56 10.82 -0.80 -9.79
CA ILE A 56 10.93 -1.04 -10.01
C ILE A 56 11.89 0.20 -9.35
C ILE A 56 11.98 -0.03 -9.56
N LEU A 57 12.15 0.29 -8.05
N LEU A 57 12.11 0.16 -8.24
CA LEU A 57 13.18 1.19 -7.55
CA LEU A 57 13.12 1.07 -7.70
C LEU A 57 14.57 0.71 -7.94
C LEU A 57 14.52 0.64 -8.11
N GLU A 58 14.79 -0.61 -7.94
N GLU A 58 14.83 -0.65 -7.94
CA GLU A 58 16.09 -1.15 -8.32
CA GLU A 58 16.14 -1.17 -8.34
C GLU A 58 16.37 -0.91 -9.81
C GLU A 58 16.38 -0.95 -9.83
N LYS A 59 15.35 -1.09 -10.66
CA LYS A 59 15.50 -0.88 -12.09
C LYS A 59 15.71 0.59 -12.42
N ALA A 60 14.93 1.48 -11.80
CA ALA A 60 15.16 2.90 -11.98
C ALA A 60 16.59 3.28 -11.59
N ARG A 61 17.12 2.65 -10.53
CA ARG A 61 18.50 2.93 -10.11
C ARG A 61 19.48 2.46 -11.18
N ARG A 62 19.25 1.27 -11.73
CA ARG A 62 20.17 0.76 -12.75
C ARG A 62 20.09 1.60 -14.03
N GLU A 63 18.91 2.13 -14.34
N GLU A 63 18.91 2.17 -14.33
CA GLU A 63 18.73 3.04 -15.47
CA GLU A 63 18.64 2.99 -15.50
C GLU A 63 19.30 4.42 -15.21
C GLU A 63 19.07 4.45 -15.32
N GLY A 64 19.81 4.67 -14.00
N GLY A 64 19.39 4.87 -14.11
CA GLY A 64 20.35 5.97 -13.66
CA GLY A 64 19.79 6.23 -13.82
C GLY A 64 19.35 7.09 -13.57
C GLY A 64 18.69 7.28 -13.88
N ASN A 65 18.06 6.77 -13.48
N ASN A 65 17.43 6.90 -13.61
CA ASN A 65 16.98 7.75 -13.52
CA ASN A 65 16.31 7.82 -13.68
C ASN A 65 16.87 8.37 -12.14
C ASN A 65 16.22 8.49 -12.32
N LYS A 66 17.66 9.44 -11.94
N LYS A 66 17.07 9.51 -12.15
CA LYS A 66 17.75 10.03 -10.61
CA LYS A 66 17.24 10.15 -10.84
C LYS A 66 16.38 10.45 -10.08
C LYS A 66 15.94 10.67 -10.27
N GLU A 67 15.59 11.14 -10.91
N GLU A 67 15.11 11.33 -11.08
CA GLU A 67 14.35 11.70 -10.39
CA GLU A 67 13.86 11.84 -10.52
C GLU A 67 13.36 10.60 -10.00
C GLU A 67 12.98 10.68 -10.07
N ALA A 68 13.15 9.61 -10.87
N ALA A 68 12.91 9.61 -10.86
CA ALA A 68 12.25 8.53 -10.50
CA ALA A 68 12.13 8.46 -10.44
C ALA A 68 12.72 7.84 -9.23
C ALA A 68 12.70 7.84 -9.16
N VAL A 69 14.04 7.72 -9.06
CA VAL A 69 14.62 7.13 -7.85
C VAL A 69 14.26 7.97 -6.63
N THR A 70 14.39 9.31 -6.74
CA THR A 70 14.04 10.20 -5.62
C THR A 70 12.60 9.96 -5.17
N LEU A 71 11.68 9.96 -6.12
N LEU A 71 11.67 9.97 -6.12
CA LEU A 71 10.26 9.79 -5.80
CA LEU A 71 10.26 9.82 -5.80
C LEU A 71 9.98 8.38 -5.31
C LEU A 71 9.97 8.44 -5.19
N MET A 72 10.70 7.38 -5.83
N MET A 72 10.51 7.39 -5.80
CA MET A 72 10.51 6.01 -5.39
CA MET A 72 10.33 6.04 -5.27
C MET A 72 11.17 5.72 -4.04
C MET A 72 10.93 5.88 -3.87
N ASN A 73 12.20 6.49 -3.65
N ASN A 73 12.10 6.46 -3.60
CA ASN A 73 12.71 6.39 -2.29
CA ASN A 73 12.62 6.45 -2.22
C ASN A 73 11.75 7.02 -1.28
C ASN A 73 11.62 7.06 -1.25
N GLU A 74 11.09 8.11 -1.66
N GLU A 74 11.06 8.21 -1.60
CA GLU A 74 10.10 8.74 -0.78
CA GLU A 74 10.06 8.82 -0.74
C GLU A 74 8.80 7.93 -0.76
C GLU A 74 8.89 7.87 -0.57
N PHE A 75 8.41 7.36 -1.89
N PHE A 75 8.45 7.22 -1.64
CA PHE A 75 7.19 6.58 -1.93
CA PHE A 75 7.29 6.33 -1.54
C PHE A 75 7.31 5.32 -1.09
C PHE A 75 7.60 5.07 -0.75
N THR A 76 8.39 4.55 -1.29
N THR A 76 8.81 4.52 -0.86
CA THR A 76 8.59 3.32 -0.52
CA THR A 76 9.12 3.35 -0.05
C THR A 76 8.82 3.59 0.96
C THR A 76 9.07 3.68 1.44
N ALA A 77 9.25 4.79 1.32
N ALA A 77 9.49 4.89 1.82
CA ALA A 77 9.34 5.13 2.74
CA ALA A 77 9.39 5.29 3.23
C ALA A 77 7.96 5.30 3.35
C ALA A 77 7.93 5.34 3.67
N THR A 78 7.05 5.95 2.62
N THR A 78 7.08 5.98 2.89
CA THR A 78 5.68 6.14 3.10
CA THR A 78 5.64 6.00 3.18
C THR A 78 4.93 4.82 3.12
C THR A 78 5.09 4.58 3.25
N PHE A 79 5.15 3.96 2.12
N PHE A 79 5.57 3.69 2.37
CA PHE A 79 4.54 2.64 2.14
CA PHE A 79 5.09 2.32 2.38
C PHE A 79 4.86 1.92 3.44
C PHE A 79 5.42 1.60 3.68
N GLN A 80 6.13 1.98 3.89
N GLN A 80 6.58 1.89 4.25
CA GLN A 80 6.50 1.34 5.14
CA GLN A 80 6.97 1.26 5.50
C GLN A 80 5.75 1.94 6.34
C GLN A 80 6.12 1.78 6.67
N THR A 81 5.50 3.25 6.33
N THR A 81 5.68 3.04 6.61
CA THR A 81 4.66 3.84 7.37
CA THR A 81 4.72 3.54 7.60
C THR A 81 3.28 3.20 7.37
C THR A 81 3.43 2.73 7.52
N GLY A 82 2.69 3.04 6.20
N GLY A 82 2.95 2.52 6.29
CA GLY A 82 1.44 2.30 6.10
CA GLY A 82 1.81 1.66 6.10
C GLY A 82 1.56 0.86 6.54
C GLY A 82 2.02 0.29 6.72
N LYS A 83 2.69 0.23 6.23
N LYS A 83 3.17 -0.32 6.45
CA LYS A 83 2.86 -1.19 6.58
CA LYS A 83 3.46 -1.64 6.98
C LYS A 83 2.90 -1.38 8.10
C LYS A 83 3.42 -1.66 8.50
N SER A 84 3.59 -0.48 8.81
N SER A 84 4.11 -0.71 9.13
CA SER A 84 3.64 -0.59 10.27
CA SER A 84 4.14 -0.65 10.58
C SER A 84 2.28 -0.31 10.89
C SER A 84 2.75 -0.51 11.16
N ILE A 85 1.50 0.57 10.27
N ILE A 85 1.95 0.41 10.59
CA ILE A 85 0.15 0.84 10.78
CA ILE A 85 0.61 0.62 11.13
C ILE A 85 -0.75 -0.37 10.53
C ILE A 85 -0.30 -0.57 10.81
N PHE A 86 -0.61 -1.01 9.36
N PHE A 86 -0.19 -1.12 9.59
CA PHE A 86 -1.39 -2.20 9.08
CA PHE A 86 -0.95 -2.32 9.28
C PHE A 86 -1.05 -3.34 10.03
C PHE A 86 -0.67 -3.43 10.29
N ASN A 87 0.24 -3.54 10.31
N ASN A 87 0.62 -3.71 10.55
CA ASN A 87 0.60 -4.65 11.18
CA ASN A 87 0.92 -4.79 11.49
C ASN A 87 0.08 -4.41 12.60
C ASN A 87 0.32 -4.49 12.86
N ALA A 88 0.21 -3.17 13.09
N ALA A 88 0.33 -3.23 13.27
CA ALA A 88 -0.37 -2.84 14.39
CA ALA A 88 -0.31 -2.85 14.52
C ALA A 88 -1.87 -3.07 14.39
C ALA A 88 -1.81 -3.13 14.48
N MET A 89 -2.54 -2.80 13.27
N MET A 89 -2.46 -2.81 13.36
CA MET A 89 -3.95 -3.06 13.14
CA MET A 89 -3.89 -3.07 13.23
C MET A 89 -4.26 -4.55 13.26
C MET A 89 -4.20 -4.56 13.35
N VAL A 90 -3.42 -5.39 12.64
CA VAL A 90 -3.62 -6.83 12.72
C VAL A 90 -3.44 -7.32 14.15
N ALA A 91 -2.44 -6.78 14.85
CA ALA A 91 -2.25 -7.15 16.26
C ALA A 91 -3.44 -6.70 17.11
N ALA A 92 -3.96 -5.51 16.85
CA ALA A 92 -5.15 -5.05 17.58
C ALA A 92 -6.33 -5.98 17.36
N PHE A 93 -6.51 -6.46 16.13
CA PHE A 93 -7.58 -7.42 15.86
C PHE A 93 -7.36 -8.72 16.64
N LYS A 94 -6.14 -9.25 16.60
N LYS A 94 -6.13 -9.25 16.61
CA LYS A 94 -5.83 -10.47 17.35
CA LYS A 94 -5.80 -10.46 17.35
C LYS A 94 -6.11 -10.28 18.83
C LYS A 94 -6.09 -10.28 18.83
N ASN A 95 -5.75 -9.11 19.39
CA ASN A 95 -5.95 -8.83 20.81
C ASN A 95 -7.38 -8.48 21.18
N GLY A 96 -8.29 -8.31 20.24
CA GLY A 96 -9.65 -7.91 20.55
C GLY A 96 -9.80 -6.46 20.93
N ASP A 97 -8.90 -5.60 20.47
CA ASP A 97 -8.84 -4.19 20.83
C ASP A 97 -9.49 -3.39 19.70
N ASP A 98 -10.79 -3.17 19.80
CA ASP A 98 -11.49 -2.49 18.71
C ASP A 98 -11.14 -1.01 18.68
N ASP A 99 -10.86 -0.41 19.84
CA ASP A 99 -10.48 1.00 19.85
C ASP A 99 -9.20 1.23 19.05
N SER A 100 -8.18 0.42 19.27
CA SER A 100 -6.94 0.60 18.51
C SER A 100 -7.16 0.28 17.04
N PHE A 101 -7.93 -0.76 16.76
CA PHE A 101 -8.19 -1.13 15.37
C PHE A 101 -8.80 0.02 14.60
N GLU A 102 -9.82 0.65 15.19
N GLU A 102 -9.84 0.65 15.19
CA GLU A 102 -10.43 1.85 14.59
CA GLU A 102 -10.45 1.85 14.63
C GLU A 102 -9.40 2.93 14.35
C GLU A 102 -9.41 2.93 14.36
N SER A 103 -8.57 3.21 15.36
CA SER A 103 -7.53 4.23 15.24
C SER A 103 -6.57 3.91 14.10
N TYR A 104 -6.04 2.69 14.10
CA TYR A 104 -5.09 2.29 13.06
C TYR A 104 -5.72 2.32 11.69
N LEU A 105 -7.02 2.00 11.60
N LEU A 105 -7.00 1.92 11.58
CA LEU A 105 -7.70 2.01 10.30
CA LEU A 105 -7.65 1.92 10.28
C LEU A 105 -7.73 3.42 9.72
C LEU A 105 -7.75 3.35 9.72
N GLN A 106 -8.07 4.42 10.54
N GLN A 106 -8.14 4.30 10.58
CA GLN A 106 -8.14 5.79 10.05
CA GLN A 106 -8.20 5.70 10.17
C GLN A 106 -6.76 6.33 9.71
C GLN A 106 -6.83 6.21 9.80
N ALA A 107 -5.74 5.95 10.48
N ALA A 107 -5.80 5.78 10.53
CA ALA A 107 -4.39 6.38 10.17
CA ALA A 107 -4.44 6.20 10.20
C ALA A 107 -3.90 5.80 8.86
C ALA A 107 -4.03 5.70 8.83
N LEU A 108 -4.23 4.53 8.60
N LEU A 108 -4.34 4.43 8.52
CA LEU A 108 -3.83 3.89 7.36
CA LEU A 108 -3.94 3.87 7.23
C LEU A 108 -4.59 4.45 6.17
C LEU A 108 -4.60 4.60 6.07
N GLU A 109 -5.77 5.03 6.40
N GLU A 109 -5.82 5.08 6.27
CA GLU A 109 -6.47 5.72 5.32
CA GLU A 109 -6.47 5.86 5.22
C GLU A 109 -5.81 7.05 4.99
C GLU A 109 -5.68 7.13 4.93
N LYS A 110 -5.59 7.89 6.01
N LYS A 110 -5.06 7.72 5.96
CA LYS A 110 -4.97 9.18 5.78
CA LYS A 110 -4.19 8.87 5.72
C LYS A 110 -3.56 9.04 5.23
C LYS A 110 -2.94 8.47 4.96
N VAL A 111 -2.84 7.99 5.64
N VAL A 111 -2.29 7.39 5.36
CA VAL A 111 -1.51 7.74 5.09
CA VAL A 111 -1.09 6.90 4.66
C VAL A 111 -1.61 7.34 3.63
C VAL A 111 -1.42 6.64 3.20
N THR A 112 -2.66 6.59 3.26
N THR A 112 -2.55 5.97 2.96
CA THR A 112 -2.83 6.17 1.86
CA THR A 112 -2.93 5.65 1.59
C THR A 112 -3.24 7.35 0.99
C THR A 112 -3.03 6.91 0.74
N ALA A 113 -4.11 8.21 1.50
N ALA A 113 -3.65 7.96 1.29
CA ALA A 113 -4.59 9.32 0.67
CA ALA A 113 -3.84 9.18 0.51
C ALA A 113 -3.50 10.36 0.47
C ALA A 113 -2.50 9.83 0.18
N LYS A 114 -2.71 10.65 1.51
N LYS A 114 -1.64 9.95 1.19
CA LYS A 114 -1.64 11.62 1.37
CA LYS A 114 -0.35 10.57 0.95
C LYS A 114 -0.70 11.23 0.24
C LYS A 114 0.51 9.71 0.03
N GLY A 115 -0.21 9.99 0.26
N GLY A 115 0.31 8.39 0.06
CA GLY A 115 0.83 9.58 -0.67
CA GLY A 115 0.97 7.54 -0.92
C GLY A 115 0.35 9.32 -2.08
C GLY A 115 0.41 7.74 -2.32
N GLU A 116 -0.81 9.85 -2.44
N GLU A 116 -0.91 7.89 -2.42
CA GLU A 116 -1.35 9.62 -3.77
CA GLU A 116 -1.53 8.06 -3.74
C GLU A 116 -0.84 10.61 -4.81
C GLU A 116 -1.01 9.30 -4.45
N THR A 117 -0.57 11.86 -4.42
N THR A 117 -0.83 10.41 -3.74
CA THR A 117 0.02 12.78 -5.39
CA THR A 117 -0.32 11.61 -4.39
C THR A 117 1.38 12.30 -5.85
C THR A 117 1.08 11.35 -4.94
N LEU A 118 2.15 11.66 -4.95
N LEU A 118 1.91 10.64 -4.17
CA LEU A 118 3.43 11.08 -5.34
CA LEU A 118 3.26 10.30 -4.59
C LEU A 118 3.24 9.89 -6.26
C LEU A 118 3.24 9.31 -5.77
N ALA A 119 2.23 9.06 -6.00
N ALA A 119 2.37 8.30 -5.71
CA ALA A 119 2.01 7.87 -6.81
CA ALA A 119 2.33 7.31 -6.78
C ALA A 119 1.82 8.24 -8.28
C ALA A 119 1.97 7.94 -8.12
N ASP A 120 1.08 9.31 -8.54
N ASP A 120 1.11 8.96 -8.10
CA ASP A 120 0.92 9.76 -9.92
CA ASP A 120 0.69 9.61 -9.34
C ASP A 120 2.23 10.35 -10.46
C ASP A 120 1.85 10.33 -10.01
N GLN A 121 3.00 11.04 -9.60
N GLN A 121 2.77 10.91 -9.23
CA GLN A 121 4.26 11.61 -10.06
CA GLN A 121 3.96 11.55 -9.82
C GLN A 121 5.23 10.54 -10.54
C GLN A 121 4.95 10.51 -10.35
N ILE A 122 5.22 9.38 -9.88
N ILE A 122 5.14 9.41 -9.60
CA ILE A 122 6.12 8.30 -10.26
CA ILE A 122 6.04 8.35 -10.03
C ILE A 122 5.75 7.75 -11.63
C ILE A 122 5.66 7.87 -11.42
N ALA A 123 4.45 7.60 -11.89
N ALA A 123 4.37 7.62 -11.63
CA ALA A 123 4.02 7.04 -13.17
CA ALA A 123 3.92 7.18 -12.94
C ALA A 123 4.54 7.86 -14.35
C ALA A 123 4.40 8.14 -14.02
N LYS A 124 4.57 9.18 -14.18
N LYS A 124 4.23 9.45 -13.78
CA LYS A 124 5.05 10.06 -15.25
CA LYS A 124 4.62 10.44 -14.77
C LYS A 124 6.57 10.09 -15.32
C LYS A 124 6.12 10.52 -14.95
N ALA A 125 7.25 9.81 -14.20
N ALA A 125 6.89 10.00 -14.00
CA ALA A 125 8.69 9.98 -14.13
CA ALA A 125 8.33 10.14 -14.02
C ALA A 125 9.45 8.79 -14.69
C ALA A 125 9.06 8.97 -14.66
N LEU A 126 8.92 7.58 -14.57
N LEU A 126 8.45 7.80 -14.74
CA LEU A 126 9.67 6.38 -14.95
CA LEU A 126 9.14 6.60 -15.19
C LEU A 126 9.95 6.28 -16.44
C LEU A 126 9.22 6.50 -16.72
C4 LVF B . 2.11 -1.14 3.54
C5 LVF B . 1.16 -1.90 4.16
C6 LVF B . -0.19 -1.36 4.48
C7 LVF B . -0.54 -0.13 3.74
C8 LVF B . 1.76 -3.25 4.36
C9 LVF B . 1.47 -4.52 4.88
N LVF B . 3.21 -1.92 3.41
C2 LVF B . 3.99 -4.27 3.84
C LVF B . 2.35 -5.59 4.90
C3 LVF B . 3.04 -3.21 3.87
N1 LVF B . -0.80 0.85 3.18
CL LVF B . 1.81 -7.13 5.58
C1 LVF B . 3.63 -5.50 4.38
H1 LVF B . 2.27 -0.08 3.15
H2 LVF B . -1.00 -2.12 4.37
H3 LVF B . -0.28 -1.17 5.58
H4 LVF B . 0.51 -4.74 5.31
H5 LVF B . 4.00 -1.67 3.04
H6 LVF B . 4.99 -4.13 3.44
H7 LVF B . 4.30 -6.37 4.42
C4 LVF C . -1.02 -0.53 4.14
C5 LVF C . 0.25 -0.60 3.54
C6 LVF C . 1.21 -1.76 3.75
C7 LVF C . 2.37 -1.82 2.92
C8 LVF C . 0.40 0.66 2.76
C9 LVF C . 1.26 1.40 1.89
N LVF C . -1.65 0.66 3.76
C2 LVF C . -1.17 2.63 2.37
C LVF C . 0.94 2.64 1.33
C3 LVF C . -0.84 1.38 2.92
N1 LVF C . 3.31 -1.84 2.24
CL LVF C . 2.08 3.50 0.28
C1 LVF C . -0.28 3.27 1.56
H1 LVF C . -1.66 -1.16 4.80
H2 LVF C . 0.66 -2.74 3.61
H3 LVF C . 1.48 -1.84 4.84
H4 LVF C . 2.24 1.05 1.61
H5 LVF C . -2.58 1.01 4.00
H6 LVF C . -2.14 3.09 2.57
H7 LVF C . -0.48 4.24 1.08
#